data_9R3C
#
_entry.id   9R3C
#
_cell.length_a   154.864
_cell.length_b   154.864
_cell.length_c   127.326
_cell.angle_alpha   90.000
_cell.angle_beta   90.000
_cell.angle_gamma   90.000
#
_symmetry.space_group_name_H-M   'I 4 2 2'
#
loop_
_entity.id
_entity.type
_entity.pdbx_description
1 polymer Cholinesterase
2 branched alpha-L-fucopyranose-(1-6)-2-acetamido-2-deoxy-beta-D-glucopyranose
3 branched 2-acetamido-2-deoxy-beta-D-glucopyranose-(1-4)-[alpha-L-fucopyranose-(1-6)]2-acetamido-2-deoxy-beta-D-glucopyranose
4 non-polymer 2-acetamido-2-deoxy-beta-D-glucopyranose
5 non-polymer '2-(N-MORPHOLINO)-ETHANESULFONIC ACID'
6 non-polymer N-{[(3S)-1-benzylpiperidin-3-yl]methyl}-N-(2-methoxyethyl)naphthalene-2-sulfonamide
7 non-polymer GLYCEROL
8 non-polymer 'SULFATE ION'
9 water water
#
_entity_poly.entity_id   1
_entity_poly.type   'polypeptide(L)'
_entity_poly.pdbx_seq_one_letter_code
;EDDIIIATKNGKVRGMQLTVFGGTVTAFLGIPYAQPPLGRLRFKKPQSLTKWSDIWNATKYANSCCQNIDQSFPGFHGSE
MWNPNTDLSEDCLYLNVWIPAPKPKNATVLIWIYGGGFQTGTSSLHVYDGKFLARVERVIVVSMNYRVGALGFLALPGNP
EAPGNMGLFDQQLALQWVQKNIAAFGGNPKSVTLFGESAGAASVSLHLLSPGSHSLFTRAILQSGSFNAPWAVTSLYEAR
NRTLNLAKLTGCSRENETEIIKCLRNKDPQEILLNEAFVVPYGTPLSVNFGPTVDGDFLTDMPDILLELGQFKKTQILVG
VNKDEGTAFLVYGAPGFSKDNNSIITRKEFQEGLKIFFPGVSEFGKESILFHYTDWVDDQRPENYREALGDVVGDYNFIC
PALEFTKKFSEWGNNAFFYYFEHRSSKLPWPEWMGVMHGYEIEFVFGLPLERRDQYTKAEEILSRSIVKRWANFAKYGNP
QETQNQSTSWPVFKSTEQKYLTLNTESTRIMTKLRAQQCRFWTSFFPKV
;
_entity_poly.pdbx_strand_id   A
#
loop_
_chem_comp.id
_chem_comp.type
_chem_comp.name
_chem_comp.formula
5HF non-polymer N-{[(3S)-1-benzylpiperidin-3-yl]methyl}-N-(2-methoxyethyl)naphthalene-2-sulfonamide 'C26 H32 N2 O3 S'
FUC L-saccharide, alpha linking alpha-L-fucopyranose 'C6 H12 O5'
GOL non-polymer GLYCEROL 'C3 H8 O3'
MES non-polymer '2-(N-MORPHOLINO)-ETHANESULFONIC ACID' 'C6 H13 N O4 S'
NAG D-saccharide, beta linking 2-acetamido-2-deoxy-beta-D-glucopyranose 'C8 H15 N O6'
SO4 non-polymer 'SULFATE ION' 'O4 S -2'
#
# COMPACT_ATOMS: atom_id res chain seq x y z
N ASP A 3 -9.24 -32.72 8.35
CA ASP A 3 -7.87 -32.29 8.61
C ASP A 3 -7.05 -32.12 7.31
N ILE A 4 -6.23 -31.06 7.26
CA ILE A 4 -5.52 -30.71 6.04
C ILE A 4 -4.10 -30.22 6.36
N ILE A 5 -3.10 -31.09 6.17
CA ILE A 5 -1.71 -30.81 6.50
C ILE A 5 -0.92 -30.70 5.21
N ILE A 6 -0.11 -29.66 5.09
CA ILE A 6 0.73 -29.44 3.93
C ILE A 6 2.19 -29.49 4.38
N ALA A 7 3.00 -30.29 3.68
CA ALA A 7 4.42 -30.31 3.91
C ALA A 7 5.07 -29.12 3.20
N THR A 8 5.84 -28.33 3.94
CA THR A 8 6.63 -27.24 3.38
C THR A 8 8.11 -27.50 3.65
N LYS A 9 8.95 -26.72 2.97
CA LYS A 9 10.38 -26.97 3.04
C LYS A 9 10.94 -26.85 4.45
N ASN A 10 10.26 -26.15 5.36
CA ASN A 10 10.72 -26.05 6.74
C ASN A 10 9.87 -26.84 7.71
N GLY A 11 8.83 -27.50 7.23
CA GLY A 11 8.07 -28.39 8.07
C GLY A 11 6.64 -28.45 7.60
N LYS A 12 5.81 -29.03 8.46
CA LYS A 12 4.42 -29.34 8.17
C LYS A 12 3.53 -28.29 8.82
N VAL A 13 2.54 -27.82 8.07
CA VAL A 13 1.60 -26.83 8.58
C VAL A 13 0.18 -27.38 8.43
N ARG A 14 -0.61 -27.21 9.48
CA ARG A 14 -2.03 -27.57 9.46
C ARG A 14 -2.85 -26.30 9.31
N GLY A 15 -3.76 -26.31 8.37
CA GLY A 15 -4.69 -25.22 8.18
C GLY A 15 -6.07 -25.55 8.70
N MET A 16 -7.05 -24.81 8.20
CA MET A 16 -8.43 -24.98 8.62
C MET A 16 -9.35 -24.77 7.43
N GLN A 17 -10.52 -25.38 7.50
CA GLN A 17 -11.52 -25.27 6.45
C GLN A 17 -12.45 -24.11 6.75
N LEU A 18 -12.81 -23.33 5.71
CA LEU A 18 -13.78 -22.27 5.86
C LEU A 18 -14.94 -22.46 4.89
N THR A 19 -16.14 -22.16 5.37
CA THR A 19 -17.33 -22.19 4.55
C THR A 19 -17.49 -20.83 3.89
N VAL A 20 -17.52 -20.80 2.57
CA VAL A 20 -17.65 -19.56 1.81
C VAL A 20 -18.62 -19.80 0.67
N PHE A 21 -19.71 -19.05 0.68
CA PHE A 21 -20.65 -19.05 -0.45
C PHE A 21 -21.03 -20.48 -0.83
N GLY A 22 -21.53 -21.22 0.15
CA GLY A 22 -21.83 -22.62 -0.10
C GLY A 22 -20.67 -23.42 -0.62
N GLY A 23 -19.45 -22.99 -0.34
CA GLY A 23 -18.29 -23.74 -0.77
C GLY A 23 -17.26 -23.84 0.35
N THR A 24 -16.01 -24.09 -0.01
CA THR A 24 -14.98 -24.34 0.98
C THR A 24 -13.67 -23.72 0.53
N VAL A 25 -13.04 -22.96 1.43
CA VAL A 25 -11.69 -22.46 1.22
C VAL A 25 -10.84 -22.97 2.37
N THR A 26 -9.62 -23.38 2.07
CA THR A 26 -8.65 -23.73 3.10
C THR A 26 -7.75 -22.55 3.40
N ALA A 27 -7.65 -22.20 4.67
CA ALA A 27 -6.88 -21.05 5.12
C ALA A 27 -5.75 -21.52 6.00
N PHE A 28 -4.54 -21.05 5.71
CA PHE A 28 -3.36 -21.28 6.55
C PHE A 28 -2.99 -19.90 7.04
N LEU A 29 -3.45 -19.57 8.25
CA LEU A 29 -3.23 -18.26 8.83
C LEU A 29 -2.03 -18.34 9.76
N GLY A 30 -1.05 -17.48 9.53
CA GLY A 30 0.05 -17.37 10.48
C GLY A 30 1.17 -18.36 10.30
N ILE A 31 1.66 -18.49 9.07
CA ILE A 31 2.84 -19.32 8.80
C ILE A 31 4.07 -18.45 8.97
N PRO A 32 5.06 -18.86 9.76
CA PRO A 32 6.24 -18.02 9.90
C PRO A 32 7.08 -18.15 8.65
N TYR A 33 7.76 -17.06 8.30
CA TYR A 33 8.59 -17.08 7.10
C TYR A 33 9.99 -16.57 7.37
N ALA A 34 10.33 -16.29 8.62
CA ALA A 34 11.67 -15.82 8.97
C ALA A 34 11.89 -16.01 10.46
N GLN A 35 13.14 -16.03 10.84
CA GLN A 35 13.45 -16.03 12.25
C GLN A 35 12.97 -14.72 12.86
N PRO A 36 12.30 -14.76 14.01
CA PRO A 36 11.81 -13.54 14.65
C PRO A 36 12.93 -12.52 14.78
N PRO A 37 12.71 -11.30 14.34
CA PRO A 37 13.82 -10.32 14.31
C PRO A 37 13.96 -9.64 15.66
N LEU A 38 14.39 -10.42 16.64
CA LEU A 38 14.43 -10.00 18.03
C LEU A 38 15.86 -9.98 18.53
N GLY A 39 16.08 -9.18 19.57
CA GLY A 39 17.37 -9.16 20.22
C GLY A 39 18.38 -8.53 19.28
N ARG A 40 19.48 -9.25 19.05
CA ARG A 40 20.51 -8.79 18.11
C ARG A 40 19.98 -8.70 16.69
N LEU A 41 18.88 -9.40 16.38
CA LEU A 41 18.29 -9.36 15.05
C LEU A 41 17.43 -8.14 14.82
N ARG A 42 17.06 -7.39 15.86
CA ARG A 42 16.33 -6.15 15.62
C ARG A 42 17.15 -5.23 14.73
N PHE A 43 16.52 -4.71 13.68
CA PHE A 43 17.00 -3.81 12.64
C PHE A 43 17.79 -4.54 11.54
N LYS A 44 18.10 -5.83 11.71
CA LYS A 44 18.81 -6.52 10.64
C LYS A 44 17.82 -7.01 9.58
N LYS A 45 18.38 -7.39 8.44
CA LYS A 45 17.59 -8.05 7.41
C LYS A 45 17.03 -9.36 7.96
N PRO A 46 15.88 -9.81 7.46
CA PRO A 46 15.25 -11.02 8.00
C PRO A 46 16.12 -12.24 7.74
N GLN A 47 16.36 -13.02 8.79
CA GLN A 47 17.22 -14.18 8.69
C GLN A 47 16.42 -15.43 8.33
N SER A 48 17.09 -16.40 7.70
CA SER A 48 16.44 -17.62 7.25
C SER A 48 15.91 -18.39 8.45
N LEU A 49 14.79 -19.07 8.23
CA LEU A 49 14.09 -19.79 9.29
C LEU A 49 14.59 -21.23 9.37
N THR A 50 14.85 -21.69 10.58
CA THR A 50 15.35 -23.04 10.75
C THR A 50 14.19 -24.03 10.75
N LYS A 51 14.45 -25.21 10.19
CA LYS A 51 13.45 -26.25 10.09
C LYS A 51 12.76 -26.49 11.43
N TRP A 52 11.48 -26.87 11.37
CA TRP A 52 10.80 -27.43 12.52
C TRP A 52 10.26 -28.80 12.16
N SER A 53 9.91 -29.55 13.21
CA SER A 53 9.52 -30.95 13.08
C SER A 53 8.09 -31.23 13.49
N ASP A 54 7.42 -30.33 14.20
CA ASP A 54 6.05 -30.54 14.64
C ASP A 54 5.08 -30.22 13.50
N ILE A 55 3.79 -30.17 13.80
CA ILE A 55 2.79 -29.72 12.85
C ILE A 55 2.43 -28.29 13.25
N TRP A 56 2.97 -27.32 12.54
CA TRP A 56 2.68 -25.93 12.88
C TRP A 56 1.21 -25.64 12.65
N ASN A 57 0.52 -25.24 13.72
CA ASN A 57 -0.92 -25.01 13.71
C ASN A 57 -1.15 -23.59 13.17
N ALA A 58 -1.29 -23.48 11.85
CA ALA A 58 -1.51 -22.18 11.22
C ALA A 58 -3.02 -21.93 11.08
N THR A 59 -3.64 -21.72 12.24
CA THR A 59 -5.10 -21.66 12.35
C THR A 59 -5.61 -20.34 12.92
N LYS A 60 -4.77 -19.31 12.98
CA LYS A 60 -5.19 -17.97 13.39
C LYS A 60 -4.11 -16.98 12.96
N TYR A 61 -4.55 -15.76 12.67
CA TYR A 61 -3.60 -14.70 12.37
C TYR A 61 -2.57 -14.57 13.47
N ALA A 62 -1.35 -14.22 13.10
CA ALA A 62 -0.25 -14.11 14.04
C ALA A 62 -0.16 -12.67 14.55
N ASN A 63 0.83 -12.42 15.41
CA ASN A 63 1.10 -11.06 15.85
C ASN A 63 1.31 -10.10 14.67
N SER A 64 0.82 -8.87 14.84
CA SER A 64 1.16 -7.78 13.93
C SER A 64 2.43 -7.10 14.44
N CYS A 65 3.16 -6.47 13.52
CA CYS A 65 4.42 -5.83 13.88
C CYS A 65 4.16 -4.57 14.71
N CYS A 66 5.11 -4.28 15.61
CA CYS A 66 4.99 -3.11 16.46
C CYS A 66 4.66 -1.86 15.63
N GLN A 67 3.80 -1.01 16.17
CA GLN A 67 3.38 0.19 15.46
C GLN A 67 2.55 1.10 16.34
N ASN A 68 2.61 2.40 16.08
CA ASN A 68 1.70 3.32 16.73
C ASN A 68 0.30 3.16 16.15
N ILE A 69 -0.69 3.39 16.98
CA ILE A 69 -2.09 3.17 16.61
C ILE A 69 -2.73 4.53 16.39
N ASP A 70 -3.59 4.62 15.37
CA ASP A 70 -4.43 5.80 15.24
C ASP A 70 -5.37 5.94 16.46
N GLN A 71 -5.16 6.98 17.28
CA GLN A 71 -6.03 7.25 18.42
C GLN A 71 -6.90 8.49 18.23
N SER A 72 -7.03 8.98 16.99
CA SER A 72 -7.71 10.24 16.74
C SER A 72 -9.22 10.13 16.93
N PHE A 73 -9.83 9.01 16.54
CA PHE A 73 -11.28 8.84 16.67
C PHE A 73 -11.60 7.56 17.41
N PRO A 74 -11.31 7.51 18.71
CA PRO A 74 -11.61 6.31 19.51
C PRO A 74 -13.08 5.93 19.40
N GLY A 75 -13.32 4.66 19.07
CA GLY A 75 -14.66 4.12 18.99
C GLY A 75 -15.37 4.36 17.67
N PHE A 76 -14.69 4.93 16.70
CA PHE A 76 -15.25 5.22 15.39
C PHE A 76 -14.74 4.17 14.41
N HIS A 77 -15.66 3.43 13.79
CA HIS A 77 -15.22 2.34 12.93
C HIS A 77 -14.41 2.83 11.74
N GLY A 78 -14.63 4.07 11.29
CA GLY A 78 -13.95 4.55 10.10
C GLY A 78 -12.45 4.58 10.26
N SER A 79 -11.98 4.90 11.47
CA SER A 79 -10.55 4.87 11.70
C SER A 79 -10.11 3.53 12.27
N GLU A 80 -10.91 2.96 13.17
CA GLU A 80 -10.46 1.78 13.89
C GLU A 80 -10.42 0.53 13.02
N MET A 81 -11.20 0.50 11.93
CA MET A 81 -11.10 -0.62 11.01
C MET A 81 -9.71 -0.79 10.42
N TRP A 82 -8.85 0.23 10.53
CA TRP A 82 -7.48 0.12 10.02
C TRP A 82 -6.45 -0.21 11.10
N ASN A 83 -6.80 -0.06 12.37
CA ASN A 83 -5.91 -0.38 13.45
C ASN A 83 -5.73 -1.90 13.57
N PRO A 84 -4.58 -2.36 14.08
CA PRO A 84 -4.32 -3.81 14.11
C PRO A 84 -5.34 -4.57 14.94
N ASN A 85 -5.59 -5.82 14.53
CA ASN A 85 -6.52 -6.70 15.24
C ASN A 85 -5.87 -7.98 15.74
N THR A 86 -4.55 -8.01 15.86
CA THR A 86 -3.85 -9.01 16.65
C THR A 86 -2.84 -8.29 17.54
N ASP A 87 -2.32 -8.99 18.54
CA ASP A 87 -1.28 -8.43 19.39
C ASP A 87 -0.15 -7.84 18.57
N LEU A 88 0.39 -6.72 19.04
CA LEU A 88 1.64 -6.20 18.50
C LEU A 88 2.81 -6.92 19.15
N SER A 89 3.84 -7.18 18.35
CA SER A 89 5.05 -7.81 18.84
C SER A 89 6.12 -7.69 17.76
N GLU A 90 7.38 -7.65 18.19
CA GLU A 90 8.46 -7.73 17.22
C GLU A 90 8.45 -9.07 16.51
N ASP A 91 7.97 -10.11 17.18
CA ASP A 91 7.83 -11.42 16.56
C ASP A 91 6.58 -11.34 15.69
N CYS A 92 6.75 -10.89 14.45
CA CYS A 92 5.61 -10.69 13.58
C CYS A 92 5.87 -11.12 12.13
N LEU A 93 6.92 -11.88 11.86
CA LEU A 93 7.24 -12.24 10.48
C LEU A 93 6.48 -13.52 10.11
N TYR A 94 5.22 -13.34 9.71
CA TYR A 94 4.31 -14.43 9.38
C TYR A 94 3.55 -14.07 8.11
N LEU A 95 2.97 -15.10 7.46
CA LEU A 95 2.13 -14.88 6.29
C LEU A 95 0.91 -15.81 6.33
N ASN A 96 0.00 -15.60 5.38
CA ASN A 96 -1.28 -16.31 5.28
C ASN A 96 -1.49 -16.80 3.85
N VAL A 97 -2.17 -17.94 3.73
CA VAL A 97 -2.46 -18.54 2.43
C VAL A 97 -3.93 -18.97 2.41
N TRP A 98 -4.65 -18.55 1.39
CA TRP A 98 -5.99 -19.07 1.13
C TRP A 98 -5.91 -19.88 -0.15
N ILE A 99 -6.24 -21.16 -0.06
CA ILE A 99 -6.28 -21.97 -1.27
C ILE A 99 -7.71 -22.43 -1.50
N PRO A 100 -8.13 -22.52 -2.76
CA PRO A 100 -9.49 -22.99 -3.04
C PRO A 100 -9.61 -24.44 -2.64
N ALA A 101 -10.84 -24.83 -2.34
CA ALA A 101 -11.15 -26.23 -2.25
C ALA A 101 -12.17 -26.55 -3.33
N PRO A 102 -12.00 -27.65 -4.06
CA PRO A 102 -10.92 -28.65 -3.93
C PRO A 102 -9.58 -28.03 -4.26
N LYS A 103 -8.50 -28.50 -3.62
CA LYS A 103 -7.14 -28.05 -3.84
C LYS A 103 -6.90 -27.85 -5.33
N PRO A 104 -6.42 -26.68 -5.74
CA PRO A 104 -6.22 -26.44 -7.16
C PRO A 104 -5.06 -27.26 -7.69
N LYS A 105 -4.92 -27.25 -9.01
CA LYS A 105 -3.86 -28.03 -9.63
C LYS A 105 -2.63 -27.18 -9.90
N ASN A 106 -2.82 -25.94 -10.37
CA ASN A 106 -1.70 -25.09 -10.76
C ASN A 106 -2.13 -23.63 -10.75
N ALA A 107 -2.63 -23.14 -9.61
CA ALA A 107 -3.38 -21.90 -9.54
C ALA A 107 -2.49 -20.66 -9.59
N THR A 108 -2.96 -19.62 -10.26
CA THR A 108 -2.33 -18.30 -10.16
C THR A 108 -2.38 -17.81 -8.71
N VAL A 109 -1.28 -17.16 -8.28
CA VAL A 109 -1.15 -16.72 -6.90
C VAL A 109 -1.20 -15.19 -6.84
N LEU A 110 -1.95 -14.67 -5.87
N LEU A 110 -1.96 -14.68 -5.88
CA LEU A 110 -2.06 -13.24 -5.65
CA LEU A 110 -2.08 -13.26 -5.61
C LEU A 110 -1.49 -12.90 -4.28
C LEU A 110 -1.44 -12.95 -4.27
N ILE A 111 -0.41 -12.11 -4.26
CA ILE A 111 0.28 -11.74 -3.03
C ILE A 111 -0.08 -10.30 -2.67
N TRP A 112 -0.70 -10.13 -1.50
CA TRP A 112 -1.09 -8.82 -1.00
C TRP A 112 0.00 -8.18 -0.14
N ILE A 113 0.20 -6.88 -0.33
CA ILE A 113 1.11 -6.09 0.49
C ILE A 113 0.31 -4.90 0.97
N TYR A 114 0.03 -4.85 2.27
CA TYR A 114 -0.81 -3.77 2.81
C TYR A 114 -0.05 -2.44 2.83
N GLY A 115 -0.84 -1.36 2.93
CA GLY A 115 -0.30 -0.04 3.13
C GLY A 115 -0.39 0.39 4.59
N GLY A 116 -0.17 1.69 4.81
CA GLY A 116 -0.03 2.23 6.14
C GLY A 116 1.11 3.23 6.28
N GLY A 117 1.46 3.90 5.18
CA GLY A 117 2.50 4.91 5.25
C GLY A 117 3.86 4.37 5.64
N PHE A 118 4.09 3.06 5.52
CA PHE A 118 5.26 2.36 6.04
C PHE A 118 5.40 2.51 7.56
N GLN A 119 4.39 3.04 8.24
CA GLN A 119 4.42 3.11 9.70
C GLN A 119 3.41 2.19 10.35
N THR A 120 2.36 1.79 9.64
CA THR A 120 1.26 1.02 10.23
C THR A 120 0.82 -0.08 9.27
N GLY A 121 -0.06 -0.96 9.73
CA GLY A 121 -0.68 -1.94 8.85
C GLY A 121 -0.49 -3.38 9.29
N THR A 122 -1.36 -4.27 8.81
CA THR A 122 -1.22 -5.68 9.15
C THR A 122 -2.08 -6.49 8.19
N SER A 123 -1.60 -7.69 7.89
CA SER A 123 -2.27 -8.52 6.91
C SER A 123 -3.59 -9.08 7.42
N SER A 124 -3.81 -9.09 8.74
CA SER A 124 -4.96 -9.76 9.33
C SER A 124 -6.24 -8.93 9.31
N LEU A 125 -6.22 -7.76 8.71
CA LEU A 125 -7.40 -6.89 8.72
C LEU A 125 -8.54 -7.53 7.93
N HIS A 126 -9.76 -7.22 8.36
CA HIS A 126 -10.97 -7.77 7.75
C HIS A 126 -11.05 -7.46 6.26
N VAL A 127 -10.60 -6.27 5.85
CA VAL A 127 -10.72 -5.92 4.43
C VAL A 127 -9.61 -6.52 3.59
N TYR A 128 -8.69 -7.29 4.20
CA TYR A 128 -7.67 -8.02 3.45
C TYR A 128 -7.92 -9.51 3.44
N ASP A 129 -9.10 -9.96 3.87
CA ASP A 129 -9.39 -11.39 3.94
C ASP A 129 -9.46 -11.97 2.52
N GLY A 130 -8.58 -12.91 2.23
CA GLY A 130 -8.51 -13.44 0.89
C GLY A 130 -9.42 -14.61 0.57
N LYS A 131 -10.34 -14.98 1.47
CA LYS A 131 -11.13 -16.19 1.23
C LYS A 131 -12.09 -16.02 0.07
N PHE A 132 -12.59 -14.80 -0.15
CA PHE A 132 -13.52 -14.58 -1.25
C PHE A 132 -12.83 -14.78 -2.60
N LEU A 133 -11.66 -14.14 -2.79
CA LEU A 133 -10.90 -14.32 -4.02
C LEU A 133 -10.58 -15.79 -4.26
N ALA A 134 -10.21 -16.51 -3.20
CA ALA A 134 -9.89 -17.91 -3.36
C ALA A 134 -11.12 -18.69 -3.82
N ARG A 135 -12.25 -18.44 -3.18
CA ARG A 135 -13.46 -19.20 -3.47
C ARG A 135 -14.01 -18.86 -4.86
N VAL A 136 -14.00 -17.57 -5.22
CA VAL A 136 -14.75 -17.10 -6.38
C VAL A 136 -13.94 -17.21 -7.66
N GLU A 137 -12.63 -16.99 -7.60
CA GLU A 137 -11.80 -16.97 -8.80
C GLU A 137 -10.82 -18.11 -8.85
N ARG A 138 -10.78 -18.95 -7.80
CA ARG A 138 -9.88 -20.09 -7.75
C ARG A 138 -8.42 -19.66 -7.83
N VAL A 139 -8.11 -18.48 -7.36
CA VAL A 139 -6.72 -18.10 -7.16
C VAL A 139 -6.32 -18.44 -5.73
N ILE A 140 -5.03 -18.61 -5.52
CA ILE A 140 -4.47 -18.61 -4.17
C ILE A 140 -4.06 -17.20 -3.81
N VAL A 141 -4.40 -16.79 -2.59
CA VAL A 141 -4.08 -15.46 -2.08
C VAL A 141 -3.10 -15.62 -0.93
N VAL A 142 -1.99 -14.89 -1.00
CA VAL A 142 -1.00 -14.84 0.06
C VAL A 142 -0.89 -13.41 0.52
N SER A 143 -0.71 -13.22 1.83
CA SER A 143 -0.42 -11.91 2.39
C SER A 143 0.57 -12.11 3.53
N MET A 144 1.38 -11.09 3.77
CA MET A 144 2.43 -11.18 4.78
C MET A 144 2.49 -9.94 5.66
N ASN A 145 2.93 -10.15 6.90
CA ASN A 145 3.30 -9.05 7.76
C ASN A 145 4.76 -8.68 7.52
N TYR A 146 5.03 -7.38 7.47
CA TYR A 146 6.40 -6.90 7.34
C TYR A 146 6.63 -5.75 8.30
N ARG A 147 7.87 -5.63 8.76
CA ARG A 147 8.19 -4.60 9.75
C ARG A 147 7.96 -3.21 9.17
N VAL A 148 7.42 -2.32 10.01
CA VAL A 148 7.13 -0.95 9.64
C VAL A 148 7.79 -0.01 10.66
N GLY A 149 7.69 1.28 10.38
CA GLY A 149 8.29 2.27 11.26
C GLY A 149 9.80 2.11 11.35
N ALA A 150 10.36 2.67 12.41
CA ALA A 150 11.82 2.61 12.56
C ALA A 150 12.30 1.16 12.64
N LEU A 151 11.53 0.28 13.28
CA LEU A 151 11.93 -1.12 13.36
C LEU A 151 12.02 -1.74 11.97
N GLY A 152 11.31 -1.18 10.99
CA GLY A 152 11.35 -1.68 9.64
C GLY A 152 12.21 -0.90 8.65
N PHE A 153 12.54 0.37 8.94
CA PHE A 153 13.23 1.16 7.93
C PHE A 153 14.30 2.09 8.49
N LEU A 154 14.68 1.95 9.75
CA LEU A 154 15.76 2.79 10.25
C LEU A 154 17.01 2.56 9.41
N ALA A 155 17.73 3.62 9.07
CA ALA A 155 18.76 3.53 8.04
C ALA A 155 20.09 4.12 8.52
N LEU A 156 21.09 3.25 8.66
CA LEU A 156 22.50 3.65 8.76
C LEU A 156 23.16 3.08 7.51
N PRO A 157 23.14 3.81 6.39
CA PRO A 157 23.46 3.19 5.10
C PRO A 157 24.88 2.62 5.10
N GLY A 158 25.02 1.46 4.48
CA GLY A 158 26.23 0.67 4.51
C GLY A 158 26.27 -0.31 5.65
N ASN A 159 25.82 0.12 6.83
CA ASN A 159 25.98 -0.67 8.03
C ASN A 159 24.93 -1.76 8.07
N PRO A 160 25.32 -3.04 8.14
CA PRO A 160 24.31 -4.11 8.12
C PRO A 160 23.48 -4.21 9.38
N GLU A 161 23.91 -3.60 10.50
CA GLU A 161 23.10 -3.63 11.71
C GLU A 161 21.83 -2.82 11.54
N ALA A 162 21.82 -1.91 10.58
CA ALA A 162 20.71 -1.01 10.35
C ALA A 162 20.74 -0.54 8.90
N PRO A 163 20.69 -1.46 7.93
CA PRO A 163 20.96 -1.05 6.54
C PRO A 163 19.83 -0.28 5.91
N GLY A 164 18.65 -0.24 6.53
CA GLY A 164 17.48 0.31 5.89
C GLY A 164 16.75 -0.76 5.09
N ASN A 165 15.49 -0.48 4.79
CA ASN A 165 14.68 -1.27 3.88
C ASN A 165 14.38 -2.68 4.39
N MET A 166 14.65 -2.96 5.67
CA MET A 166 14.35 -4.27 6.24
C MET A 166 12.91 -4.73 5.98
N GLY A 167 11.95 -3.81 6.09
CA GLY A 167 10.56 -4.19 5.80
C GLY A 167 10.40 -4.69 4.37
N LEU A 168 11.09 -4.04 3.43
CA LEU A 168 11.07 -4.51 2.05
C LEU A 168 11.68 -5.90 1.94
N PHE A 169 12.83 -6.13 2.59
CA PHE A 169 13.42 -7.46 2.56
C PHE A 169 12.54 -8.49 3.26
N ASP A 170 11.74 -8.09 4.26
CA ASP A 170 10.73 -8.98 4.78
C ASP A 170 9.76 -9.40 3.67
N GLN A 171 9.13 -8.42 3.01
CA GLN A 171 8.28 -8.69 1.87
C GLN A 171 8.97 -9.65 0.91
N GLN A 172 10.21 -9.32 0.55
CA GLN A 172 10.95 -10.13 -0.40
C GLN A 172 11.11 -11.55 0.10
N LEU A 173 11.46 -11.70 1.37
CA LEU A 173 11.61 -13.03 1.92
C LEU A 173 10.32 -13.83 1.82
N ALA A 174 9.17 -13.16 1.97
CA ALA A 174 7.91 -13.88 1.82
C ALA A 174 7.70 -14.28 0.37
N LEU A 175 8.07 -13.41 -0.58
CA LEU A 175 7.97 -13.79 -1.99
C LEU A 175 8.79 -15.06 -2.27
N GLN A 176 10.03 -15.13 -1.77
CA GLN A 176 10.82 -16.35 -1.88
C GLN A 176 10.09 -17.55 -1.30
N TRP A 177 9.42 -17.37 -0.15
CA TRP A 177 8.66 -18.46 0.45
C TRP A 177 7.61 -18.97 -0.53
N VAL A 178 6.90 -18.06 -1.18
CA VAL A 178 5.93 -18.46 -2.18
C VAL A 178 6.61 -19.22 -3.31
N GLN A 179 7.78 -18.74 -3.73
CA GLN A 179 8.50 -19.43 -4.79
C GLN A 179 8.84 -20.85 -4.40
N LYS A 180 9.27 -21.06 -3.15
CA LYS A 180 9.74 -22.39 -2.77
C LYS A 180 8.64 -23.31 -2.24
N ASN A 181 7.46 -22.79 -1.89
CA ASN A 181 6.46 -23.64 -1.24
C ASN A 181 5.10 -23.64 -1.89
N ILE A 182 4.73 -22.63 -2.68
CA ILE A 182 3.34 -22.53 -3.12
C ILE A 182 2.94 -23.70 -4.02
N ALA A 183 3.90 -24.31 -4.73
CA ALA A 183 3.56 -25.49 -5.51
C ALA A 183 2.97 -26.59 -4.63
N ALA A 184 3.45 -26.69 -3.39
CA ALA A 184 2.91 -27.72 -2.51
C ALA A 184 1.46 -27.46 -2.13
N PHE A 185 1.03 -26.20 -2.17
CA PHE A 185 -0.33 -25.81 -1.82
C PHE A 185 -1.27 -25.81 -3.02
N GLY A 186 -0.79 -26.26 -4.19
CA GLY A 186 -1.56 -26.17 -5.40
C GLY A 186 -1.29 -24.93 -6.22
N GLY A 187 -0.19 -24.21 -5.92
CA GLY A 187 0.07 -22.92 -6.53
C GLY A 187 1.11 -22.99 -7.63
N ASN A 188 1.02 -22.03 -8.53
CA ASN A 188 1.94 -21.90 -9.65
C ASN A 188 2.97 -20.80 -9.34
N PRO A 189 4.18 -21.14 -8.91
CA PRO A 189 5.17 -20.09 -8.65
C PRO A 189 5.51 -19.25 -9.87
N LYS A 190 5.31 -19.79 -11.08
CA LYS A 190 5.52 -19.03 -12.29
C LYS A 190 4.40 -18.05 -12.60
N SER A 191 3.36 -17.95 -11.76
CA SER A 191 2.22 -17.08 -12.08
C SER A 191 1.80 -16.37 -10.80
N VAL A 192 2.57 -15.34 -10.44
CA VAL A 192 2.42 -14.63 -9.18
C VAL A 192 2.21 -13.16 -9.50
N THR A 193 1.10 -12.61 -9.03
CA THR A 193 0.82 -11.20 -9.21
C THR A 193 0.88 -10.54 -7.84
N LEU A 194 1.77 -9.58 -7.68
CA LEU A 194 1.77 -8.76 -6.46
C LEU A 194 0.68 -7.71 -6.61
N PHE A 195 -0.06 -7.49 -5.52
CA PHE A 195 -0.89 -6.30 -5.44
C PHE A 195 -0.84 -5.74 -4.04
N GLY A 196 -1.00 -4.42 -3.96
CA GLY A 196 -0.98 -3.70 -2.70
C GLY A 196 -1.56 -2.32 -2.88
N GLU A 197 -1.90 -1.70 -1.76
CA GLU A 197 -2.50 -0.37 -1.77
C GLU A 197 -1.65 0.58 -0.94
N SER A 198 -1.53 1.81 -1.45
CA SER A 198 -0.87 2.91 -0.76
C SER A 198 0.60 2.55 -0.55
N ALA A 199 1.13 2.57 0.68
CA ALA A 199 2.51 2.12 0.86
C ALA A 199 2.70 0.71 0.35
N GLY A 200 1.65 -0.13 0.40
CA GLY A 200 1.73 -1.43 -0.25
C GLY A 200 1.94 -1.31 -1.75
N ALA A 201 1.26 -0.35 -2.37
CA ALA A 201 1.45 -0.14 -3.81
C ALA A 201 2.85 0.39 -4.11
N ALA A 202 3.33 1.35 -3.30
CA ALA A 202 4.71 1.81 -3.49
C ALA A 202 5.69 0.65 -3.32
N SER A 203 5.42 -0.23 -2.35
CA SER A 203 6.24 -1.42 -2.18
C SER A 203 6.25 -2.27 -3.46
N VAL A 204 5.06 -2.56 -3.98
CA VAL A 204 5.00 -3.30 -5.24
C VAL A 204 5.87 -2.62 -6.28
N SER A 205 5.73 -1.31 -6.43
CA SER A 205 6.51 -0.63 -7.47
C SER A 205 8.01 -0.70 -7.19
N LEU A 206 8.42 -0.76 -5.92
CA LEU A 206 9.84 -0.90 -5.64
C LEU A 206 10.32 -2.30 -5.94
N HIS A 207 9.44 -3.29 -5.86
CA HIS A 207 9.83 -4.65 -6.24
C HIS A 207 10.03 -4.75 -7.77
N LEU A 208 9.30 -3.95 -8.56
CA LEU A 208 9.63 -3.91 -9.98
C LEU A 208 11.02 -3.34 -10.22
N LEU A 209 11.52 -2.53 -9.30
CA LEU A 209 12.81 -1.90 -9.48
C LEU A 209 13.95 -2.72 -8.92
N SER A 210 13.68 -3.53 -7.91
CA SER A 210 14.74 -4.21 -7.20
C SER A 210 15.11 -5.47 -7.96
N PRO A 211 16.36 -5.65 -8.36
CA PRO A 211 16.70 -6.85 -9.13
C PRO A 211 16.52 -8.11 -8.30
N GLY A 212 16.69 -8.03 -6.99
CA GLY A 212 16.51 -9.20 -6.16
C GLY A 212 15.08 -9.72 -6.16
N SER A 213 14.13 -8.91 -6.61
CA SER A 213 12.76 -9.39 -6.69
C SER A 213 12.33 -9.81 -8.09
N HIS A 214 13.11 -9.47 -9.13
N HIS A 214 13.14 -9.55 -9.11
CA HIS A 214 12.71 -9.70 -10.52
CA HIS A 214 12.65 -9.67 -10.48
C HIS A 214 12.09 -11.08 -10.68
C HIS A 214 12.16 -11.08 -10.80
N SER A 215 12.75 -12.11 -10.18
CA SER A 215 12.35 -13.48 -10.42
C SER A 215 11.30 -14.00 -9.45
N LEU A 216 10.82 -13.19 -8.50
CA LEU A 216 9.87 -13.67 -7.51
C LEU A 216 8.43 -13.34 -7.86
N PHE A 217 8.16 -12.74 -9.02
CA PHE A 217 6.77 -12.49 -9.39
C PHE A 217 6.67 -12.27 -10.88
N THR A 218 5.42 -12.27 -11.36
CA THR A 218 5.12 -12.17 -12.77
C THR A 218 4.63 -10.77 -13.16
N ARG A 219 3.66 -10.24 -12.41
CA ARG A 219 2.92 -9.05 -12.80
C ARG A 219 2.67 -8.23 -11.54
N ALA A 220 2.12 -7.04 -11.72
CA ALA A 220 1.99 -6.14 -10.58
C ALA A 220 0.76 -5.25 -10.71
N ILE A 221 0.12 -5.02 -9.57
CA ILE A 221 -1.07 -4.18 -9.45
C ILE A 221 -0.79 -3.11 -8.40
N LEU A 222 -1.05 -1.84 -8.73
CA LEU A 222 -0.72 -0.73 -7.82
C LEU A 222 -1.95 0.13 -7.55
N GLN A 223 -2.52 0.01 -6.36
CA GLN A 223 -3.74 0.73 -5.98
C GLN A 223 -3.36 1.93 -5.13
N SER A 224 -3.55 3.14 -5.67
CA SER A 224 -3.35 4.36 -4.88
C SER A 224 -1.94 4.44 -4.29
N GLY A 225 -0.92 4.30 -5.14
CA GLY A 225 0.43 4.38 -4.62
C GLY A 225 1.47 3.98 -5.63
N SER A 226 2.65 4.59 -5.53
CA SER A 226 3.79 4.28 -6.38
C SER A 226 5.01 4.93 -5.74
N PHE A 227 6.21 4.42 -6.09
CA PHE A 227 7.41 4.90 -5.40
C PHE A 227 7.73 6.36 -5.68
N ASN A 228 7.29 6.90 -6.82
CA ASN A 228 7.61 8.30 -7.12
C ASN A 228 6.70 9.26 -6.38
N ALA A 229 5.82 8.78 -5.52
CA ALA A 229 5.03 9.68 -4.71
C ALA A 229 5.92 10.37 -3.67
N PRO A 230 5.66 11.63 -3.33
CA PRO A 230 6.66 12.38 -2.56
C PRO A 230 6.92 11.78 -1.19
N TRP A 231 6.01 10.97 -0.66
CA TRP A 231 6.13 10.38 0.68
C TRP A 231 6.80 9.01 0.66
N ALA A 232 7.14 8.46 -0.51
CA ALA A 232 7.46 7.04 -0.58
C ALA A 232 8.93 6.70 -0.37
N VAL A 233 9.85 7.64 -0.57
CA VAL A 233 11.27 7.31 -0.46
C VAL A 233 11.96 8.41 0.32
N THR A 234 12.63 8.04 1.40
CA THR A 234 13.47 8.97 2.17
C THR A 234 14.87 9.06 1.56
N SER A 235 15.41 10.28 1.52
CA SER A 235 16.76 10.45 0.99
C SER A 235 17.78 9.97 2.03
N LEU A 236 18.97 9.60 1.55
CA LEU A 236 20.04 9.22 2.47
C LEU A 236 20.27 10.30 3.51
N TYR A 237 20.09 11.56 3.15
CA TYR A 237 20.23 12.68 4.06
C TYR A 237 19.21 12.59 5.19
N GLU A 238 17.92 12.70 4.87
CA GLU A 238 16.88 12.63 5.89
C GLU A 238 17.02 11.35 6.71
N ALA A 239 17.27 10.22 6.04
CA ALA A 239 17.38 8.95 6.77
C ALA A 239 18.42 9.04 7.87
N ARG A 240 19.61 9.49 7.54
CA ARG A 240 20.63 9.64 8.58
C ARG A 240 20.20 10.66 9.62
N ASN A 241 19.76 11.86 9.19
CA ASN A 241 19.34 12.87 10.17
C ASN A 241 18.21 12.36 11.06
N ARG A 242 17.38 11.45 10.55
CA ARG A 242 16.31 10.88 11.35
C ARG A 242 16.83 9.76 12.25
N THR A 243 17.69 8.89 11.71
CA THR A 243 18.36 7.92 12.56
C THR A 243 19.13 8.60 13.68
N LEU A 244 19.84 9.69 13.37
CA LEU A 244 20.58 10.38 14.43
C LEU A 244 19.64 11.02 15.44
N ASN A 245 18.56 11.64 14.97
CA ASN A 245 17.62 12.27 15.88
C ASN A 245 17.07 11.25 16.87
N LEU A 246 16.54 10.13 16.35
CA LEU A 246 15.99 9.10 17.22
C LEU A 246 16.98 8.65 18.29
N ALA A 247 18.26 8.51 17.93
CA ALA A 247 19.28 8.17 18.92
C ALA A 247 19.31 9.17 20.06
N LYS A 248 19.14 10.46 19.76
CA LYS A 248 19.12 11.46 20.82
C LYS A 248 17.94 11.22 21.76
N LEU A 249 16.72 11.17 21.20
CA LEU A 249 15.55 11.11 22.06
C LEU A 249 15.51 9.87 22.91
N THR A 250 16.31 8.86 22.58
CA THR A 250 16.41 7.66 23.39
C THR A 250 17.70 7.62 24.20
N GLY A 251 18.44 8.73 24.25
CA GLY A 251 19.72 8.73 24.93
C GLY A 251 20.70 7.73 24.37
N CYS A 252 20.60 7.43 23.08
CA CYS A 252 21.46 6.44 22.44
C CYS A 252 22.53 7.07 21.57
N SER A 253 22.65 8.39 21.59
CA SER A 253 23.67 9.05 20.77
C SER A 253 25.06 8.58 21.15
N ARG A 254 25.84 8.22 20.15
CA ARG A 254 27.23 7.79 20.30
C ARG A 254 28.01 8.33 19.10
N GLU A 255 29.22 7.81 18.90
CA GLU A 255 29.99 8.08 17.69
C GLU A 255 30.24 6.83 16.86
N ASN A 256 30.53 5.71 17.52
CA ASN A 256 30.54 4.38 16.92
C ASN A 256 29.15 4.06 16.39
N GLU A 257 28.92 4.30 15.09
CA GLU A 257 27.60 4.08 14.52
C GLU A 257 27.03 2.72 14.89
N THR A 258 27.88 1.72 15.06
CA THR A 258 27.38 0.42 15.46
C THR A 258 26.93 0.45 16.93
N GLU A 259 27.55 1.29 17.75
CA GLU A 259 27.15 1.37 19.15
C GLU A 259 25.78 2.03 19.31
N ILE A 260 25.49 3.08 18.54
CA ILE A 260 24.15 3.67 18.67
C ILE A 260 23.08 2.64 18.35
N ILE A 261 23.40 1.68 17.47
CA ILE A 261 22.44 0.63 17.16
C ILE A 261 22.32 -0.32 18.33
N LYS A 262 23.45 -0.70 18.95
CA LYS A 262 23.37 -1.60 20.09
C LYS A 262 22.54 -0.98 21.21
N CYS A 263 22.74 0.33 21.44
CA CYS A 263 21.93 1.03 22.42
C CYS A 263 20.45 0.99 22.05
N LEU A 264 20.13 1.22 20.78
CA LEU A 264 18.75 1.11 20.34
C LEU A 264 18.24 -0.32 20.42
N ARG A 265 19.14 -1.30 20.48
CA ARG A 265 18.73 -2.70 20.56
C ARG A 265 18.27 -3.11 21.97
N ASN A 266 18.65 -2.37 23.00
CA ASN A 266 18.18 -2.68 24.34
C ASN A 266 17.03 -1.78 24.77
N LYS A 267 16.61 -0.85 23.93
CA LYS A 267 15.45 -0.03 24.24
C LYS A 267 14.19 -0.84 23.97
N ASP A 268 13.13 -0.48 24.66
CA ASP A 268 11.87 -1.21 24.52
C ASP A 268 11.11 -0.73 23.29
N PRO A 269 10.43 -1.63 22.57
CA PRO A 269 9.72 -1.20 21.36
C PRO A 269 8.89 0.06 21.58
N GLN A 270 8.26 0.19 22.74
CA GLN A 270 7.44 1.36 23.02
C GLN A 270 8.28 2.64 22.98
N GLU A 271 9.45 2.61 23.62
CA GLU A 271 10.32 3.78 23.63
C GLU A 271 10.65 4.25 22.23
N ILE A 272 11.02 3.32 21.36
CA ILE A 272 11.29 3.68 19.98
C ILE A 272 10.03 4.23 19.31
N LEU A 273 8.87 3.69 19.67
CA LEU A 273 7.65 4.09 18.97
C LEU A 273 7.23 5.53 19.32
N LEU A 274 7.26 5.91 20.61
CA LEU A 274 6.82 7.28 20.96
C LEU A 274 7.72 8.34 20.37
N ASN A 275 8.96 7.98 20.06
CA ASN A 275 9.92 8.93 19.57
C ASN A 275 9.91 9.10 18.05
N GLU A 276 9.34 8.14 17.32
CA GLU A 276 9.34 8.20 15.86
C GLU A 276 8.73 9.50 15.33
N ALA A 277 7.73 10.04 16.03
CA ALA A 277 6.99 11.19 15.49
C ALA A 277 7.86 12.43 15.41
N PHE A 278 8.80 12.59 16.34
CA PHE A 278 9.55 13.82 16.47
C PHE A 278 10.89 13.80 15.77
N VAL A 279 11.23 12.72 15.05
CA VAL A 279 12.52 12.74 14.35
C VAL A 279 12.51 13.73 13.20
N VAL A 280 11.34 14.27 12.86
CA VAL A 280 11.25 15.34 11.87
C VAL A 280 10.89 16.63 12.62
N PRO A 281 11.30 17.80 12.13
CA PRO A 281 10.94 19.03 12.83
C PRO A 281 9.48 19.39 12.68
N TYR A 282 8.94 19.27 11.47
CA TYR A 282 7.57 19.67 11.17
C TYR A 282 6.88 18.48 10.52
N GLY A 283 6.10 17.75 11.27
CA GLY A 283 5.36 16.67 10.69
C GLY A 283 4.11 17.14 9.98
N THR A 284 3.58 16.26 9.15
CA THR A 284 2.27 16.41 8.53
C THR A 284 1.51 15.11 8.73
N PRO A 285 0.20 15.09 8.49
CA PRO A 285 -0.52 13.80 8.56
C PRO A 285 0.03 12.77 7.60
N LEU A 286 0.83 13.19 6.62
CA LEU A 286 1.37 12.31 5.60
C LEU A 286 2.83 11.94 5.84
N SER A 287 3.39 12.35 6.98
CA SER A 287 4.80 12.08 7.25
C SER A 287 5.08 10.59 7.24
N VAL A 288 6.18 10.23 6.59
CA VAL A 288 6.67 8.85 6.62
C VAL A 288 8.04 8.92 7.25
N ASN A 289 8.09 8.92 8.58
CA ASN A 289 9.35 9.26 9.24
C ASN A 289 10.44 8.27 8.88
N PHE A 290 10.09 7.01 8.74
CA PHE A 290 11.04 5.94 8.45
C PHE A 290 10.45 5.13 7.32
N GLY A 291 11.02 5.28 6.13
CA GLY A 291 10.53 4.57 4.96
C GLY A 291 11.64 4.05 4.10
N PRO A 292 11.30 3.62 2.89
CA PRO A 292 12.31 3.08 1.97
C PRO A 292 13.39 4.11 1.70
N THR A 293 14.63 3.62 1.59
CA THR A 293 15.76 4.46 1.19
C THR A 293 16.55 3.76 0.09
N VAL A 294 17.45 4.54 -0.51
CA VAL A 294 18.45 3.97 -1.40
C VAL A 294 19.54 3.32 -0.55
N ASP A 295 19.36 2.04 -0.23
CA ASP A 295 20.30 1.33 0.62
C ASP A 295 21.53 0.81 -0.13
N GLY A 296 21.53 0.83 -1.45
CA GLY A 296 22.58 0.13 -2.16
C GLY A 296 22.44 -1.37 -2.14
N ASP A 297 21.25 -1.88 -1.82
CA ASP A 297 21.06 -3.32 -1.79
C ASP A 297 19.76 -3.66 -2.49
N PHE A 298 18.66 -3.39 -1.79
CA PHE A 298 17.36 -3.52 -2.42
C PHE A 298 17.21 -2.48 -3.52
N LEU A 299 17.80 -1.31 -3.32
CA LEU A 299 17.63 -0.16 -4.18
C LEU A 299 19.03 0.35 -4.49
N THR A 300 19.45 0.26 -5.75
CA THR A 300 20.82 0.54 -6.10
C THR A 300 21.07 1.98 -6.52
N ASP A 301 20.02 2.79 -6.68
CA ASP A 301 20.13 4.16 -7.17
C ASP A 301 18.78 4.79 -6.92
N MET A 302 18.68 6.07 -7.18
CA MET A 302 17.44 6.73 -6.83
C MET A 302 16.35 6.28 -7.81
N PRO A 303 15.19 5.84 -7.30
CA PRO A 303 14.25 5.12 -8.16
C PRO A 303 13.71 5.98 -9.29
N ASP A 304 13.65 7.30 -9.11
CA ASP A 304 13.26 8.14 -10.22
C ASP A 304 14.19 7.94 -11.41
N ILE A 305 15.50 7.83 -11.16
CA ILE A 305 16.44 7.65 -12.26
C ILE A 305 16.24 6.28 -12.92
N LEU A 306 16.08 5.23 -12.09
CA LEU A 306 15.79 3.90 -12.63
C LEU A 306 14.54 3.91 -13.48
N LEU A 307 13.44 4.43 -12.93
CA LEU A 307 12.20 4.57 -13.70
C LEU A 307 12.47 5.27 -15.03
N GLU A 308 13.10 6.45 -14.97
CA GLU A 308 13.25 7.27 -16.17
C GLU A 308 14.09 6.57 -17.25
N LEU A 309 15.08 5.77 -16.85
CA LEU A 309 15.95 5.12 -17.83
C LEU A 309 15.60 3.66 -18.03
N GLY A 310 14.35 3.28 -17.76
CA GLY A 310 13.87 1.95 -18.10
C GLY A 310 14.55 0.81 -17.37
N GLN A 311 14.98 1.03 -16.13
CA GLN A 311 15.65 -0.05 -15.39
C GLN A 311 14.68 -0.66 -14.38
N PHE A 312 13.83 -1.56 -14.88
CA PHE A 312 12.85 -2.26 -14.03
C PHE A 312 12.38 -3.51 -14.75
N LYS A 313 11.73 -4.40 -13.98
CA LYS A 313 11.16 -5.61 -14.57
C LYS A 313 10.16 -5.28 -15.67
N LYS A 314 10.33 -5.89 -16.83
CA LYS A 314 9.46 -5.68 -17.99
C LYS A 314 8.28 -6.62 -17.89
N THR A 315 7.08 -6.08 -17.67
CA THR A 315 5.91 -6.89 -17.39
C THR A 315 4.69 -5.96 -17.45
N GLN A 316 3.50 -6.55 -17.33
CA GLN A 316 2.27 -5.76 -17.34
C GLN A 316 2.02 -5.16 -15.98
N ILE A 317 1.37 -3.99 -15.96
CA ILE A 317 0.95 -3.38 -14.72
C ILE A 317 -0.49 -2.92 -14.82
N LEU A 318 -1.15 -2.99 -13.67
CA LEU A 318 -2.47 -2.43 -13.45
C LEU A 318 -2.28 -1.37 -12.38
N VAL A 319 -2.61 -0.12 -12.71
CA VAL A 319 -2.45 1.00 -11.80
C VAL A 319 -3.78 1.73 -11.69
N GLY A 320 -4.09 2.24 -10.50
CA GLY A 320 -5.25 3.09 -10.39
C GLY A 320 -5.24 3.90 -9.11
N VAL A 321 -6.24 4.77 -9.00
CA VAL A 321 -6.41 5.68 -7.88
C VAL A 321 -7.91 5.87 -7.65
N ASN A 322 -8.24 6.52 -6.53
CA ASN A 322 -9.62 6.81 -6.16
C ASN A 322 -9.92 8.28 -6.37
N LYS A 323 -11.21 8.59 -6.50
CA LYS A 323 -11.62 9.96 -6.84
C LYS A 323 -11.25 10.95 -5.74
N ASP A 324 -11.33 10.53 -4.47
CA ASP A 324 -11.02 11.48 -3.39
C ASP A 324 -9.90 10.98 -2.47
N GLU A 325 -8.72 10.74 -3.07
CA GLU A 325 -7.54 10.28 -2.32
C GLU A 325 -7.20 11.17 -1.11
N GLY A 326 -7.36 12.50 -1.22
CA GLY A 326 -6.81 13.39 -0.24
C GLY A 326 -7.63 13.64 1.02
N THR A 327 -8.96 13.51 0.93
CA THR A 327 -9.83 14.00 1.99
C THR A 327 -9.52 13.35 3.33
N ALA A 328 -9.21 12.06 3.31
CA ALA A 328 -8.99 11.30 4.54
C ALA A 328 -7.94 11.94 5.42
N PHE A 329 -7.00 12.69 4.84
CA PHE A 329 -5.96 13.25 5.69
C PHE A 329 -6.31 14.63 6.21
N LEU A 330 -7.36 15.25 5.68
CA LEU A 330 -7.71 16.60 6.10
C LEU A 330 -8.22 16.65 7.53
N VAL A 331 -8.76 15.55 8.05
CA VAL A 331 -9.35 15.58 9.37
C VAL A 331 -8.33 15.19 10.42
N TYR A 332 -7.06 15.02 10.00
CA TYR A 332 -5.96 14.75 10.92
C TYR A 332 -5.07 15.97 11.12
N GLY A 333 -5.62 17.17 11.09
CA GLY A 333 -4.77 18.33 11.29
C GLY A 333 -5.20 19.61 10.63
N ALA A 334 -5.83 19.53 9.46
CA ALA A 334 -6.18 20.73 8.72
C ALA A 334 -7.26 21.52 9.46
N PRO A 335 -7.04 22.81 9.72
CA PRO A 335 -8.00 23.59 10.50
C PRO A 335 -9.34 23.71 9.82
N GLY A 336 -10.41 23.69 10.62
CA GLY A 336 -11.76 23.84 10.11
C GLY A 336 -12.36 22.57 9.56
N PHE A 337 -11.59 21.48 9.51
CA PHE A 337 -12.04 20.18 9.03
C PHE A 337 -12.45 19.28 10.18
N SER A 338 -13.46 18.46 9.95
CA SER A 338 -13.91 17.52 10.96
C SER A 338 -14.78 16.46 10.28
N LYS A 339 -14.74 15.24 10.79
CA LYS A 339 -15.63 14.25 10.23
C LYS A 339 -17.07 14.45 10.69
N ASP A 340 -17.31 15.37 11.63
CA ASP A 340 -18.61 15.57 12.25
C ASP A 340 -19.31 16.86 11.81
N ASN A 341 -18.85 17.50 10.74
CA ASN A 341 -19.56 18.62 10.12
C ASN A 341 -19.04 18.72 8.70
N ASN A 342 -19.73 19.50 7.86
CA ASN A 342 -19.41 19.46 6.45
C ASN A 342 -18.16 20.25 6.10
N SER A 343 -17.44 20.77 7.09
CA SER A 343 -16.06 21.21 6.92
C SER A 343 -15.95 22.31 5.87
N ILE A 344 -16.98 23.16 5.78
CA ILE A 344 -16.84 24.38 5.00
C ILE A 344 -15.69 25.18 5.59
N ILE A 345 -14.72 25.53 4.74
CA ILE A 345 -13.61 26.34 5.20
C ILE A 345 -13.50 27.58 4.33
N THR A 346 -12.91 28.61 4.92
CA THR A 346 -12.64 29.89 4.27
C THR A 346 -11.35 29.85 3.47
N ARG A 347 -11.01 30.99 2.86
CA ARG A 347 -9.73 31.12 2.16
C ARG A 347 -8.56 31.02 3.13
N LYS A 348 -8.59 31.82 4.20
CA LYS A 348 -7.54 31.78 5.22
C LYS A 348 -7.38 30.37 5.77
N GLU A 349 -8.48 29.63 5.93
CA GLU A 349 -8.39 28.27 6.44
C GLU A 349 -7.70 27.38 5.43
N PHE A 350 -8.10 27.48 4.16
CA PHE A 350 -7.37 26.78 3.11
C PHE A 350 -5.90 27.16 3.16
N GLN A 351 -5.61 28.46 3.24
CA GLN A 351 -4.20 28.90 3.29
C GLN A 351 -3.47 28.28 4.48
N GLU A 352 -4.13 28.21 5.63
CA GLU A 352 -3.53 27.58 6.81
C GLU A 352 -3.33 26.09 6.60
N GLY A 353 -4.28 25.43 5.93
CA GLY A 353 -4.13 24.02 5.66
C GLY A 353 -2.89 23.72 4.83
N LEU A 354 -2.57 24.61 3.87
CA LEU A 354 -1.37 24.39 3.07
C LEU A 354 -0.12 24.46 3.94
N LYS A 355 -0.13 25.33 4.96
CA LYS A 355 0.96 25.33 5.93
C LYS A 355 1.07 23.98 6.62
N ILE A 356 -0.07 23.41 7.03
CA ILE A 356 -0.06 22.08 7.66
C ILE A 356 0.55 21.04 6.74
N PHE A 357 0.10 21.00 5.48
CA PHE A 357 0.53 19.94 4.57
C PHE A 357 1.82 20.25 3.81
N PHE A 358 2.25 21.51 3.73
CA PHE A 358 3.49 21.86 3.02
C PHE A 358 4.36 22.71 3.92
N PRO A 359 4.74 22.18 5.08
CA PRO A 359 5.40 23.01 6.09
C PRO A 359 6.72 23.60 5.61
N GLY A 360 7.57 22.79 4.98
CA GLY A 360 8.85 23.32 4.58
C GLY A 360 8.85 24.08 3.27
N VAL A 361 7.70 24.26 2.62
CA VAL A 361 7.63 24.86 1.30
C VAL A 361 7.66 26.39 1.42
N SER A 362 8.34 27.04 0.46
CA SER A 362 8.44 28.49 0.47
C SER A 362 7.08 29.16 0.39
N GLU A 363 7.04 30.43 0.80
CA GLU A 363 5.82 31.21 0.69
C GLU A 363 5.33 31.21 -0.76
N PHE A 364 6.24 31.46 -1.70
CA PHE A 364 5.87 31.49 -3.12
C PHE A 364 5.37 30.13 -3.57
N GLY A 365 6.00 29.06 -3.10
CA GLY A 365 5.48 27.73 -3.39
C GLY A 365 4.03 27.57 -2.99
N LYS A 366 3.70 27.92 -1.74
CA LYS A 366 2.33 27.79 -1.29
C LYS A 366 1.40 28.72 -2.07
N GLU A 367 1.86 29.93 -2.38
CA GLU A 367 1.06 30.80 -3.24
C GLU A 367 0.76 30.12 -4.57
N SER A 368 1.75 29.42 -5.12
CA SER A 368 1.57 28.82 -6.43
C SER A 368 0.57 27.68 -6.36
N ILE A 369 0.52 26.95 -5.25
CA ILE A 369 -0.52 25.96 -5.07
C ILE A 369 -1.88 26.64 -5.04
N LEU A 370 -2.02 27.67 -4.20
CA LEU A 370 -3.30 28.36 -4.10
C LEU A 370 -3.73 28.88 -5.45
N PHE A 371 -2.81 29.50 -6.19
CA PHE A 371 -3.16 30.08 -7.48
C PHE A 371 -3.70 29.03 -8.45
N HIS A 372 -3.02 27.90 -8.56
CA HIS A 372 -3.42 26.87 -9.51
CA HIS A 372 -3.48 26.96 -9.56
C HIS A 372 -4.75 26.22 -9.14
N TYR A 373 -5.15 26.27 -7.88
CA TYR A 373 -6.34 25.55 -7.45
C TYR A 373 -7.50 26.46 -7.08
N THR A 374 -7.37 27.78 -7.22
CA THR A 374 -8.40 28.68 -6.73
C THR A 374 -8.90 29.62 -7.82
N ASP A 375 -8.72 29.30 -9.08
CA ASP A 375 -9.53 29.94 -10.11
C ASP A 375 -10.79 29.10 -10.25
N TRP A 376 -11.89 29.63 -9.70
CA TRP A 376 -13.13 28.87 -9.54
C TRP A 376 -14.04 29.02 -10.76
N VAL A 377 -14.63 27.89 -11.15
CA VAL A 377 -15.81 27.95 -12.02
C VAL A 377 -16.91 28.76 -11.35
N ASP A 378 -17.04 28.63 -10.03
CA ASP A 378 -18.00 29.42 -9.26
C ASP A 378 -17.29 30.00 -8.04
N ASP A 379 -17.02 31.31 -8.06
CA ASP A 379 -16.43 31.98 -6.91
C ASP A 379 -17.36 32.00 -5.70
N GLN A 380 -18.64 31.76 -5.91
CA GLN A 380 -19.65 31.85 -4.87
C GLN A 380 -20.01 30.50 -4.25
N ARG A 381 -19.45 29.42 -4.76
CA ARG A 381 -19.75 28.09 -4.25
C ARG A 381 -18.95 27.84 -2.96
N PRO A 382 -19.61 27.48 -1.86
CA PRO A 382 -18.93 27.50 -0.54
C PRO A 382 -18.13 26.25 -0.24
N GLU A 383 -18.28 25.19 -1.03
CA GLU A 383 -17.42 24.03 -0.91
C GLU A 383 -16.07 24.26 -1.55
N ASN A 384 -15.89 25.39 -2.24
CA ASN A 384 -14.75 25.61 -3.13
C ASN A 384 -13.44 25.26 -2.46
N TYR A 385 -13.15 25.91 -1.32
CA TYR A 385 -11.86 25.73 -0.68
C TYR A 385 -11.73 24.36 -0.02
N ARG A 386 -12.85 23.81 0.49
CA ARG A 386 -12.79 22.47 1.08
C ARG A 386 -12.45 21.42 0.03
N GLU A 387 -13.13 21.46 -1.10
CA GLU A 387 -12.79 20.53 -2.17
C GLU A 387 -11.38 20.76 -2.68
N ALA A 388 -10.95 22.03 -2.72
CA ALA A 388 -9.64 22.35 -3.28
C ALA A 388 -8.52 21.74 -2.46
N LEU A 389 -8.60 21.85 -1.12
CA LEU A 389 -7.54 21.28 -0.29
C LEU A 389 -7.47 19.77 -0.41
N GLY A 390 -8.63 19.10 -0.44
CA GLY A 390 -8.64 17.67 -0.69
C GLY A 390 -7.94 17.31 -2.00
N ASP A 391 -8.31 18.01 -3.07
CA ASP A 391 -7.71 17.76 -4.38
C ASP A 391 -6.21 18.02 -4.37
N VAL A 392 -5.79 19.12 -3.72
CA VAL A 392 -4.35 19.39 -3.60
C VAL A 392 -3.65 18.18 -3.00
N VAL A 393 -4.15 17.69 -1.87
CA VAL A 393 -3.45 16.62 -1.17
C VAL A 393 -3.49 15.33 -1.99
N GLY A 394 -4.65 15.05 -2.60
CA GLY A 394 -4.78 13.83 -3.37
C GLY A 394 -3.96 13.88 -4.63
N ASP A 395 -3.96 15.03 -5.33
CA ASP A 395 -3.25 15.11 -6.60
C ASP A 395 -1.75 15.02 -6.36
N TYR A 396 -1.25 15.84 -5.44
CA TYR A 396 0.17 15.85 -5.14
C TYR A 396 0.63 14.50 -4.61
N ASN A 397 -0.16 13.87 -3.75
CA ASN A 397 0.36 12.71 -3.03
C ASN A 397 0.07 11.38 -3.70
N PHE A 398 -0.97 11.28 -4.53
CA PHE A 398 -1.32 9.97 -5.06
C PHE A 398 -1.59 9.98 -6.56
N ILE A 399 -2.47 10.85 -7.03
CA ILE A 399 -2.96 10.71 -8.39
C ILE A 399 -1.85 11.03 -9.39
N CYS A 400 -1.27 12.23 -9.30
CA CYS A 400 -0.22 12.59 -10.26
C CYS A 400 0.99 11.66 -10.22
N PRO A 401 1.52 11.24 -9.07
CA PRO A 401 2.65 10.30 -9.15
C PRO A 401 2.24 8.97 -9.76
N ALA A 402 1.04 8.48 -9.47
CA ALA A 402 0.60 7.24 -10.09
C ALA A 402 0.49 7.41 -11.61
N LEU A 403 -0.04 8.54 -12.05
CA LEU A 403 -0.11 8.77 -13.49
C LEU A 403 1.30 8.84 -14.09
N GLU A 404 2.19 9.64 -13.48
CA GLU A 404 3.53 9.76 -14.03
CA GLU A 404 3.56 9.77 -13.98
C GLU A 404 4.24 8.42 -14.03
N PHE A 405 4.04 7.59 -13.01
CA PHE A 405 4.63 6.27 -13.00
C PHE A 405 4.13 5.44 -14.17
N THR A 406 2.82 5.47 -14.42
CA THR A 406 2.25 4.68 -15.49
C THR A 406 2.74 5.16 -16.85
N LYS A 407 2.84 6.48 -17.06
CA LYS A 407 3.39 6.96 -18.32
C LYS A 407 4.81 6.44 -18.52
N LYS A 408 5.66 6.63 -17.52
CA LYS A 408 7.07 6.30 -17.72
C LYS A 408 7.25 4.81 -17.91
N PHE A 409 6.54 4.01 -17.13
CA PHE A 409 6.70 2.57 -17.22
C PHE A 409 6.26 2.05 -18.58
N SER A 410 5.16 2.58 -19.11
CA SER A 410 4.64 2.07 -20.35
C SER A 410 5.46 2.55 -21.54
N GLU A 411 6.26 3.60 -21.37
CA GLU A 411 7.11 4.02 -22.47
C GLU A 411 8.14 2.99 -22.86
N TRP A 412 8.39 2.00 -22.02
CA TRP A 412 9.34 0.97 -22.39
C TRP A 412 8.66 -0.27 -22.92
N GLY A 413 7.41 -0.13 -23.37
CA GLY A 413 6.81 -1.11 -24.22
C GLY A 413 5.79 -2.02 -23.58
N ASN A 414 5.70 -2.04 -22.25
CA ASN A 414 4.80 -3.00 -21.63
C ASN A 414 3.38 -2.46 -21.57
N ASN A 415 2.43 -3.39 -21.65
CA ASN A 415 1.03 -3.08 -21.45
C ASN A 415 0.76 -2.62 -20.02
N ALA A 416 0.09 -1.47 -19.92
CA ALA A 416 -0.33 -0.88 -18.66
C ALA A 416 -1.82 -0.59 -18.73
N PHE A 417 -2.51 -0.76 -17.61
CA PHE A 417 -3.93 -0.47 -17.52
C PHE A 417 -4.17 0.46 -16.33
N PHE A 418 -4.89 1.54 -16.57
CA PHE A 418 -5.15 2.52 -15.52
C PHE A 418 -6.64 2.65 -15.26
N TYR A 419 -6.99 2.71 -13.96
CA TYR A 419 -8.38 2.85 -13.52
C TYR A 419 -8.53 4.04 -12.59
N TYR A 420 -9.77 4.51 -12.53
CA TYR A 420 -10.16 5.64 -11.68
C TYR A 420 -11.39 5.18 -10.91
N PHE A 421 -11.20 4.82 -9.64
CA PHE A 421 -12.29 4.29 -8.81
C PHE A 421 -13.11 5.46 -8.24
N GLU A 422 -14.39 5.54 -8.59
CA GLU A 422 -15.18 6.71 -8.21
C GLU A 422 -16.50 6.30 -7.56
N HIS A 423 -16.52 5.17 -6.87
CA HIS A 423 -17.73 4.74 -6.16
C HIS A 423 -17.53 4.85 -4.66
N ARG A 424 -18.41 5.59 -4.00
CA ARG A 424 -18.44 5.67 -2.54
C ARG A 424 -19.17 4.47 -1.96
N SER A 425 -18.48 3.69 -1.11
CA SER A 425 -19.10 2.56 -0.41
C SER A 425 -20.36 3.00 0.31
N SER A 426 -21.45 2.25 0.12
CA SER A 426 -22.65 2.58 0.87
C SER A 426 -22.49 2.29 2.36
N LYS A 427 -21.58 1.40 2.74
CA LYS A 427 -21.18 1.24 4.13
C LYS A 427 -19.94 2.07 4.48
N LEU A 428 -19.74 3.23 3.85
CA LEU A 428 -18.59 4.04 4.23
C LEU A 428 -18.97 4.86 5.46
N PRO A 429 -18.27 4.71 6.59
CA PRO A 429 -18.70 5.39 7.83
C PRO A 429 -18.26 6.85 7.93
N TRP A 430 -17.33 7.30 7.08
CA TRP A 430 -16.98 8.71 7.07
C TRP A 430 -18.07 9.51 6.34
N PRO A 431 -18.14 10.83 6.59
CA PRO A 431 -19.24 11.62 6.01
C PRO A 431 -19.05 11.85 4.52
N GLU A 432 -20.10 12.37 3.88
CA GLU A 432 -20.20 12.37 2.43
C GLU A 432 -19.21 13.34 1.77
N TRP A 433 -18.97 14.51 2.39
CA TRP A 433 -18.03 15.46 1.79
C TRP A 433 -16.66 14.84 1.57
N MET A 434 -16.31 13.76 2.27
CA MET A 434 -15.01 13.15 1.96
C MET A 434 -15.03 12.20 0.77
N GLY A 435 -16.20 11.85 0.22
CA GLY A 435 -16.23 11.18 -1.08
C GLY A 435 -15.60 9.80 -1.10
N VAL A 436 -14.93 9.50 -2.20
CA VAL A 436 -14.41 8.15 -2.50
C VAL A 436 -13.00 8.10 -1.89
N MET A 437 -12.93 7.74 -0.62
CA MET A 437 -11.69 7.96 0.11
C MET A 437 -10.60 6.96 -0.22
N HIS A 438 -9.39 7.38 0.14
CA HIS A 438 -8.19 6.55 0.16
C HIS A 438 -8.44 5.26 0.90
N GLY A 439 -8.25 4.14 0.19
CA GLY A 439 -8.33 2.82 0.77
C GLY A 439 -9.69 2.16 0.71
N TYR A 440 -10.70 2.83 0.18
CA TYR A 440 -12.05 2.27 0.26
C TYR A 440 -12.46 1.64 -1.05
N GLU A 441 -11.48 1.37 -1.92
CA GLU A 441 -11.65 0.41 -2.99
C GLU A 441 -11.25 -0.99 -2.55
N ILE A 442 -10.45 -1.11 -1.50
CA ILE A 442 -9.89 -2.42 -1.12
C ILE A 442 -11.01 -3.44 -0.88
N GLU A 443 -12.04 -3.05 -0.12
CA GLU A 443 -13.12 -3.99 0.14
C GLU A 443 -13.72 -4.49 -1.17
N PHE A 444 -13.76 -3.62 -2.18
CA PHE A 444 -14.31 -4.06 -3.46
C PHE A 444 -13.38 -5.03 -4.15
N VAL A 445 -12.07 -4.77 -4.09
CA VAL A 445 -11.10 -5.67 -4.70
C VAL A 445 -11.12 -7.04 -4.01
N PHE A 446 -11.32 -7.06 -2.69
CA PHE A 446 -11.28 -8.33 -1.98
C PHE A 446 -12.62 -9.07 -1.98
N GLY A 447 -13.64 -8.49 -2.61
CA GLY A 447 -14.89 -9.20 -2.79
C GLY A 447 -15.79 -9.23 -1.58
N LEU A 448 -15.56 -8.38 -0.59
CA LEU A 448 -16.51 -8.28 0.52
C LEU A 448 -17.94 -7.99 0.07
N PRO A 449 -18.20 -7.07 -0.87
CA PRO A 449 -19.59 -6.86 -1.31
C PRO A 449 -20.22 -8.07 -1.95
N LEU A 450 -19.46 -9.12 -2.24
CA LEU A 450 -20.08 -10.37 -2.68
C LEU A 450 -20.86 -11.04 -1.55
N GLU A 451 -20.48 -10.80 -0.29
CA GLU A 451 -21.21 -11.37 0.84
C GLU A 451 -22.54 -10.65 1.00
N ARG A 452 -23.63 -11.34 0.65
CA ARG A 452 -24.96 -10.75 0.72
C ARG A 452 -25.42 -10.46 2.15
N ARG A 453 -24.74 -11.01 3.15
CA ARG A 453 -25.13 -10.79 4.54
C ARG A 453 -24.67 -9.44 5.08
N ASP A 454 -24.02 -8.60 4.28
CA ASP A 454 -23.26 -7.46 4.82
C ASP A 454 -23.75 -6.10 4.33
N GLN A 455 -25.03 -5.97 4.00
CA GLN A 455 -25.71 -4.70 3.76
C GLN A 455 -25.10 -3.86 2.65
N TYR A 456 -24.23 -4.42 1.81
CA TYR A 456 -23.86 -3.75 0.58
C TYR A 456 -25.02 -3.82 -0.42
N THR A 457 -25.11 -2.83 -1.30
CA THR A 457 -26.21 -2.85 -2.27
C THR A 457 -25.96 -3.88 -3.35
N LYS A 458 -27.02 -4.17 -4.11
CA LYS A 458 -26.88 -5.07 -5.27
C LYS A 458 -25.92 -4.50 -6.29
N ALA A 459 -26.00 -3.19 -6.55
CA ALA A 459 -25.11 -2.55 -7.48
C ALA A 459 -23.66 -2.71 -7.04
N GLU A 460 -23.44 -2.76 -5.73
CA GLU A 460 -22.08 -2.90 -5.25
C GLU A 460 -21.60 -4.34 -5.43
N GLU A 461 -22.48 -5.30 -5.22
CA GLU A 461 -22.13 -6.70 -5.50
C GLU A 461 -21.69 -6.87 -6.95
N ILE A 462 -22.41 -6.27 -7.88
CA ILE A 462 -22.07 -6.39 -9.29
C ILE A 462 -20.73 -5.71 -9.57
N LEU A 463 -20.47 -4.56 -8.94
CA LEU A 463 -19.20 -3.88 -9.19
C LEU A 463 -18.04 -4.68 -8.62
N SER A 464 -18.19 -5.18 -7.38
CA SER A 464 -17.12 -5.99 -6.82
C SER A 464 -16.91 -7.24 -7.66
N ARG A 465 -18.00 -7.79 -8.17
CA ARG A 465 -17.87 -9.03 -8.95
C ARG A 465 -17.09 -8.78 -10.22
N SER A 466 -17.32 -7.66 -10.89
N SER A 466 -17.31 -7.65 -10.89
CA SER A 466 -16.56 -7.36 -12.10
CA SER A 466 -16.56 -7.36 -12.11
C SER A 466 -15.10 -7.04 -11.78
C SER A 466 -15.11 -7.01 -11.80
N ILE A 467 -14.87 -6.29 -10.70
CA ILE A 467 -13.51 -5.91 -10.33
C ILE A 467 -12.69 -7.15 -9.97
N VAL A 468 -13.28 -8.04 -9.19
CA VAL A 468 -12.64 -9.31 -8.86
C VAL A 468 -12.30 -10.09 -10.13
N LYS A 469 -13.24 -10.17 -11.07
CA LYS A 469 -12.94 -10.83 -12.33
C LYS A 469 -11.80 -10.12 -13.08
N ARG A 470 -11.84 -8.79 -13.13
CA ARG A 470 -10.78 -8.07 -13.82
C ARG A 470 -9.42 -8.25 -13.14
N TRP A 471 -9.36 -8.15 -11.81
CA TRP A 471 -8.09 -8.38 -11.11
C TRP A 471 -7.55 -9.78 -11.39
N ALA A 472 -8.42 -10.79 -11.33
CA ALA A 472 -7.98 -12.17 -11.50
C ALA A 472 -7.58 -12.44 -12.95
N ASN A 473 -8.34 -11.89 -13.90
CA ASN A 473 -7.94 -12.01 -15.29
C ASN A 473 -6.60 -11.35 -15.52
N PHE A 474 -6.35 -10.22 -14.84
CA PHE A 474 -5.05 -9.60 -15.03
C PHE A 474 -3.95 -10.50 -14.49
N ALA A 475 -4.18 -11.11 -13.33
CA ALA A 475 -3.15 -11.96 -12.73
C ALA A 475 -2.93 -13.21 -13.58
N LYS A 476 -4.00 -13.90 -13.93
CA LYS A 476 -3.85 -15.13 -14.73
C LYS A 476 -3.31 -14.83 -16.12
N TYR A 477 -3.81 -13.78 -16.76
CA TYR A 477 -3.61 -13.61 -18.20
C TYR A 477 -3.00 -12.27 -18.59
N GLY A 478 -2.64 -11.43 -17.63
CA GLY A 478 -2.05 -10.16 -18.00
C GLY A 478 -2.96 -9.21 -18.73
N ASN A 479 -4.28 -9.40 -18.64
CA ASN A 479 -5.26 -8.59 -19.35
C ASN A 479 -6.54 -8.44 -18.53
N PRO A 480 -6.84 -7.24 -18.00
CA PRO A 480 -7.90 -7.11 -16.99
C PRO A 480 -9.29 -6.92 -17.60
N GLN A 481 -9.65 -7.78 -18.55
CA GLN A 481 -10.96 -7.72 -19.16
C GLN A 481 -12.00 -8.54 -18.37
N GLU A 482 -13.26 -8.17 -18.54
CA GLU A 482 -14.41 -9.00 -18.18
C GLU A 482 -15.04 -9.33 -19.52
N THR A 483 -14.80 -10.54 -20.00
CA THR A 483 -15.07 -10.82 -21.40
C THR A 483 -16.50 -11.26 -21.68
N GLN A 484 -17.32 -11.47 -20.65
CA GLN A 484 -18.57 -12.21 -20.81
C GLN A 484 -19.82 -11.37 -20.71
N ASN A 485 -19.90 -10.55 -19.68
CA ASN A 485 -21.11 -9.79 -19.42
C ASN A 485 -21.08 -8.46 -20.15
N GLN A 486 -20.77 -8.53 -21.44
CA GLN A 486 -20.70 -7.38 -22.35
C GLN A 486 -20.10 -6.15 -21.66
N SER A 487 -18.98 -6.38 -20.99
CA SER A 487 -18.37 -5.29 -20.26
C SER A 487 -17.65 -4.33 -21.22
N THR A 488 -17.48 -3.09 -20.76
CA THR A 488 -16.62 -2.15 -21.44
C THR A 488 -15.20 -2.71 -21.48
N SER A 489 -14.57 -2.62 -22.63
CA SER A 489 -13.22 -3.13 -22.77
C SER A 489 -12.26 -2.15 -22.12
N TRP A 490 -11.28 -2.66 -21.39
CA TRP A 490 -10.26 -1.83 -20.75
C TRP A 490 -9.08 -1.64 -21.69
N PRO A 491 -8.89 -0.47 -22.30
CA PRO A 491 -7.77 -0.28 -23.23
C PRO A 491 -6.46 -0.12 -22.48
N VAL A 492 -5.36 -0.47 -23.16
CA VAL A 492 -4.05 -0.26 -22.54
C VAL A 492 -3.83 1.25 -22.43
N PHE A 493 -3.10 1.63 -21.38
CA PHE A 493 -2.67 3.01 -21.18
C PHE A 493 -1.42 3.27 -21.99
N LYS A 494 -1.50 4.21 -22.92
CA LYS A 494 -0.38 4.64 -23.75
C LYS A 494 -0.05 6.09 -23.42
N SER A 495 1.23 6.45 -23.55
CA SER A 495 1.64 7.78 -23.08
C SER A 495 1.08 8.88 -23.96
N THR A 496 0.75 8.56 -25.20
CA THR A 496 0.07 9.48 -26.09
C THR A 496 -1.38 9.69 -25.64
N GLU A 497 -2.22 8.66 -25.80
CA GLU A 497 -3.66 8.87 -25.62
C GLU A 497 -4.07 8.84 -24.15
N GLN A 498 -3.42 8.03 -23.32
CA GLN A 498 -3.65 8.05 -21.88
C GLN A 498 -5.11 7.71 -21.54
N LYS A 499 -5.65 6.72 -22.23
CA LYS A 499 -6.99 6.24 -21.88
C LYS A 499 -6.95 5.55 -20.52
N TYR A 500 -8.01 5.73 -19.73
CA TYR A 500 -8.23 5.00 -18.48
C TYR A 500 -9.69 4.61 -18.36
N LEU A 501 -9.94 3.64 -17.48
CA LEU A 501 -11.26 3.08 -17.25
C LEU A 501 -11.80 3.56 -15.91
N THR A 502 -13.05 4.00 -15.87
CA THR A 502 -13.65 4.41 -14.61
C THR A 502 -14.46 3.27 -14.03
N LEU A 503 -14.32 3.06 -12.73
CA LEU A 503 -15.04 2.02 -12.00
C LEU A 503 -16.13 2.68 -11.16
N ASN A 504 -17.37 2.29 -11.38
CA ASN A 504 -18.48 2.89 -10.66
C ASN A 504 -19.70 2.00 -10.85
N THR A 505 -20.76 2.28 -10.07
CA THR A 505 -21.96 1.46 -10.20
C THR A 505 -22.79 1.88 -11.40
N GLU A 506 -22.67 3.14 -11.81
CA GLU A 506 -23.44 3.66 -12.93
C GLU A 506 -22.91 3.09 -14.24
N SER A 507 -22.02 3.83 -14.90
CA SER A 507 -21.50 3.45 -16.21
C SER A 507 -19.99 3.42 -16.17
N THR A 508 -19.39 2.31 -16.59
CA THR A 508 -17.96 2.26 -16.76
C THR A 508 -17.65 2.95 -18.08
N ARG A 509 -16.76 3.94 -18.06
CA ARG A 509 -16.49 4.71 -19.25
C ARG A 509 -15.01 4.72 -19.53
N ILE A 510 -14.66 4.84 -20.81
CA ILE A 510 -13.28 5.15 -21.19
C ILE A 510 -13.14 6.66 -21.27
N MET A 511 -12.14 7.18 -20.56
CA MET A 511 -11.81 8.60 -20.56
CA MET A 511 -11.81 8.59 -20.50
C MET A 511 -10.33 8.77 -20.81
N THR A 512 -9.92 10.02 -21.04
CA THR A 512 -8.54 10.31 -21.39
C THR A 512 -7.96 11.39 -20.51
N LYS A 513 -6.66 11.26 -20.22
CA LYS A 513 -5.82 12.33 -19.67
C LYS A 513 -6.31 12.82 -18.31
N LEU A 514 -6.38 11.88 -17.37
CA LEU A 514 -6.91 12.20 -16.03
C LEU A 514 -6.16 13.35 -15.37
N ARG A 515 -6.89 14.36 -14.90
CA ARG A 515 -6.33 15.45 -14.10
C ARG A 515 -5.20 16.17 -14.82
N ALA A 516 -5.31 16.29 -16.14
CA ALA A 516 -4.16 16.73 -16.93
C ALA A 516 -3.59 18.05 -16.43
N GLN A 517 -4.45 19.06 -16.30
CA GLN A 517 -3.99 20.38 -15.88
C GLN A 517 -3.39 20.35 -14.48
N GLN A 518 -4.07 19.69 -13.54
CA GLN A 518 -3.54 19.59 -12.19
C GLN A 518 -2.15 18.96 -12.19
N CYS A 519 -1.98 17.84 -12.89
CA CYS A 519 -0.72 17.10 -12.75
C CYS A 519 0.44 17.80 -13.44
N ARG A 520 0.20 18.54 -14.53
CA ARG A 520 1.28 19.35 -15.09
C ARG A 520 1.83 20.32 -14.06
N PHE A 521 0.98 20.86 -13.19
CA PHE A 521 1.48 21.71 -12.11
C PHE A 521 2.38 20.91 -11.18
N TRP A 522 1.88 19.78 -10.70
CA TRP A 522 2.63 19.01 -9.71
C TRP A 522 3.90 18.42 -10.30
N THR A 523 3.84 17.94 -11.54
CA THR A 523 4.91 17.11 -12.08
C THR A 523 6.00 17.91 -12.79
N SER A 524 5.75 19.16 -13.15
CA SER A 524 6.74 19.93 -13.87
C SER A 524 6.97 21.34 -13.35
N PHE A 525 6.03 21.94 -12.64
CA PHE A 525 6.31 23.21 -11.99
C PHE A 525 6.75 22.99 -10.56
N PHE A 526 5.96 22.25 -9.78
CA PHE A 526 6.17 22.21 -8.34
C PHE A 526 7.51 21.62 -7.91
N PRO A 527 8.08 20.61 -8.57
CA PRO A 527 9.41 20.12 -8.14
C PRO A 527 10.49 21.18 -8.15
N LYS A 528 10.30 22.29 -8.87
CA LYS A 528 11.33 23.32 -8.95
C LYS A 528 11.42 24.11 -7.64
N VAL A 529 10.29 24.32 -6.97
CA VAL A 529 10.25 25.24 -5.83
C VAL A 529 10.96 24.70 -4.58
C1 NAG B . -2.43 -28.33 17.07
C2 NAG B . -1.92 -28.64 18.48
C3 NAG B . -2.20 -30.11 18.84
C4 NAG B . -3.69 -30.40 18.69
C5 NAG B . -4.14 -30.05 17.27
C6 NAG B . -5.63 -30.23 17.09
C7 NAG B . -0.01 -27.31 19.25
C8 NAG B . -1.04 -26.41 19.87
N2 NAG B . -0.49 -28.36 18.59
O3 NAG B . -1.78 -30.37 20.17
O4 NAG B . -3.98 -31.76 18.96
O5 NAG B . -3.85 -28.67 16.99
O6 NAG B . -6.26 -28.97 16.87
O7 NAG B . 1.19 -27.09 19.33
C1 FUC B . -7.66 -29.10 17.15
C2 FUC B . -8.35 -27.77 16.71
C3 FUC B . -8.32 -27.66 15.18
C4 FUC B . -9.05 -28.89 14.56
C5 FUC B . -8.35 -30.19 15.02
C6 FUC B . -9.06 -31.48 14.58
O2 FUC B . -7.80 -26.62 17.35
O3 FUC B . -8.95 -26.45 14.72
O4 FUC B . -10.42 -28.91 14.93
O5 FUC B . -8.20 -30.26 16.47
C1 NAG C . 2.20 -25.15 -14.03
C2 NAG C . 3.04 -26.39 -14.48
C3 NAG C . 4.39 -25.94 -15.03
C4 NAG C . 4.20 -24.93 -16.16
C5 NAG C . 3.44 -23.71 -15.63
C6 NAG C . 3.19 -22.65 -16.68
C7 NAG C . 2.25 -28.09 -12.85
C8 NAG C . 2.68 -29.01 -11.74
N2 NAG C . 3.23 -27.34 -13.40
O3 NAG C . 5.19 -27.05 -15.45
O4 NAG C . 5.46 -24.57 -16.72
O5 NAG C . 2.16 -24.14 -15.13
O6 NAG C . 2.81 -21.37 -16.16
O7 NAG C . 1.08 -28.03 -13.23
C1 FUC C . 2.36 -20.50 -17.29
C2 FUC C . 1.26 -19.36 -16.92
C3 FUC C . 1.87 -18.15 -16.11
C4 FUC C . 3.09 -17.56 -16.86
C5 FUC C . 4.11 -18.69 -17.28
C6 FUC C . 5.23 -18.21 -18.22
O2 FUC C . 0.07 -19.86 -16.34
O3 FUC C . 0.88 -17.06 -15.84
O4 FUC C . 2.67 -16.76 -18.00
O5 FUC C . 3.49 -19.84 -17.95
C1 NAG D . 18.25 17.44 11.39
C2 NAG D . 17.35 18.53 10.80
C3 NAG D . 17.49 19.81 11.59
C4 NAG D . 17.19 19.58 13.07
C5 NAG D . 18.02 18.43 13.62
C6 NAG D . 17.59 18.00 15.00
C7 NAG D . 16.66 19.00 8.50
C8 NAG D . 17.10 19.24 7.10
N2 NAG D . 17.63 18.76 9.39
O3 NAG D . 16.60 20.79 11.06
O4 NAG D . 17.54 20.76 13.78
O5 NAG D . 17.92 17.25 12.79
O6 NAG D . 16.17 18.04 15.14
O7 NAG D . 15.46 19.01 8.83
C1 NAG D . 16.45 21.49 14.43
C2 NAG D . 17.08 22.49 15.41
C3 NAG D . 15.99 23.30 16.12
C4 NAG D . 15.10 23.98 15.10
C5 NAG D . 14.52 22.95 14.11
C6 NAG D . 13.71 23.57 13.01
C7 NAG D . 19.24 21.61 16.17
C8 NAG D . 19.96 20.89 17.27
N2 NAG D . 17.93 21.82 16.37
O3 NAG D . 16.59 24.27 16.96
O4 NAG D . 14.03 24.69 15.73
O5 NAG D . 15.58 22.20 13.49
O6 NAG D . 14.35 23.41 11.74
O7 NAG D . 19.81 21.99 15.15
C1 FUC D . 15.80 18.44 16.48
C2 FUC D . 14.27 18.79 16.51
C3 FUC D . 13.41 17.55 16.31
C4 FUC D . 13.79 16.45 17.33
C5 FUC D . 15.33 16.20 17.34
C6 FUC D . 15.80 15.29 18.48
O2 FUC D . 13.92 19.83 15.58
O3 FUC D . 12.00 17.86 16.48
O4 FUC D . 13.31 16.78 18.62
O5 FUC D . 16.09 17.42 17.44
C1 NAG E . -16.36 21.89 12.21
C2 NAG E . -16.48 23.41 12.44
C3 NAG E . -15.13 24.00 12.86
C4 NAG E . -14.52 23.22 14.02
C5 NAG E . -14.45 21.76 13.64
C6 NAG E . -13.86 20.87 14.72
C7 NAG E . -18.20 23.91 10.74
C8 NAG E . -18.50 24.69 9.49
N2 NAG E . -16.97 24.08 11.24
O3 NAG E . -15.27 25.37 13.21
O4 NAG E . -13.21 23.71 14.26
O5 NAG E . -15.77 21.27 13.36
O6 NAG E . -14.03 21.41 16.02
O7 NAG E . -19.02 23.17 11.26
C1 NAG E . -13.08 24.42 15.50
C2 NAG E . -11.59 24.72 15.66
C3 NAG E . -11.33 25.63 16.87
C4 NAG E . -12.26 26.84 16.86
C5 NAG E . -13.69 26.37 16.72
C6 NAG E . -14.69 27.50 16.65
C7 NAG E . -10.30 22.83 14.75
C8 NAG E . -9.54 21.58 15.07
N2 NAG E . -10.83 23.49 15.79
O3 NAG E . -9.98 26.07 16.85
O4 NAG E . -12.11 27.59 18.06
O5 NAG E . -13.82 25.63 15.50
O6 NAG E . -15.79 27.15 15.82
O7 NAG E . -10.43 23.24 13.59
C1 FUC E . -14.58 20.38 16.87
C2 FUC E . -14.95 21.03 18.25
C3 FUC E . -16.33 21.73 18.23
C4 FUC E . -17.42 20.81 17.64
C5 FUC E . -17.01 20.39 16.23
C6 FUC E . -18.02 19.45 15.53
O2 FUC E . -13.94 21.94 18.67
O3 FUC E . -16.72 22.06 19.56
O4 FUC E . -17.60 19.66 18.46
O5 FUC E . -15.72 19.70 16.25
C1 NAG F . -22.22 -12.10 -15.21
C2 NAG F . -21.56 -12.26 -13.84
C3 NAG F . -22.10 -13.50 -13.13
C4 NAG F . -23.62 -13.45 -13.05
C5 NAG F . -24.20 -13.30 -14.45
C6 NAG F . -25.70 -13.19 -14.48
C7 NAG F . -19.27 -11.29 -13.80
C8 NAG F . -17.81 -11.61 -13.94
N2 NAG F . -20.10 -12.34 -13.96
O3 NAG F . -21.53 -13.62 -11.84
O4 NAG F . -24.15 -14.61 -12.42
O5 NAG F . -23.67 -12.11 -15.07
O6 NAG F . -26.16 -12.66 -15.72
O7 NAG F . -19.68 -10.16 -13.54
C1 FUC F . -26.56 -13.71 -16.65
C2 FUC F . -27.30 -13.04 -17.85
C3 FUC F . -26.33 -12.31 -18.77
C4 FUC F . -25.11 -13.20 -19.23
C5 FUC F . -24.47 -13.92 -18.02
C6 FUC F . -23.47 -15.01 -18.45
O2 FUC F . -28.33 -12.15 -17.44
O3 FUC F . -27.04 -11.85 -19.93
O4 FUC F . -25.47 -14.14 -20.25
O5 FUC F . -25.46 -14.53 -17.11
C1 NAG G . 32.28 0.74 15.64
C2 NAG G . 33.80 0.99 15.67
C3 NAG G . 34.57 -0.21 15.13
C4 NAG G . 34.13 -1.50 15.84
C5 NAG G . 32.61 -1.65 15.73
C6 NAG G . 32.07 -2.88 16.43
C7 NAG G . 34.64 3.31 15.46
C8 NAG G . 34.83 3.29 16.96
N2 NAG G . 34.15 2.20 14.92
O3 NAG G . 35.96 -0.01 15.33
O4 NAG G . 34.75 -2.63 15.26
O5 NAG G . 31.98 -0.50 16.33
O6 NAG G . 32.42 -2.91 17.80
O7 NAG G . 34.91 4.31 14.79
O1 MES H . -9.64 15.97 -15.79
C2 MES H . -9.73 16.91 -14.69
C3 MES H . -9.82 16.18 -13.37
N4 MES H . -11.05 15.38 -13.45
C5 MES H . -11.28 14.51 -14.60
C6 MES H . -10.10 14.63 -15.56
C7 MES H . -11.97 15.39 -12.31
C8 MES H . -12.58 14.01 -12.13
S MES H . -13.63 14.05 -10.82
O1S MES H . -14.41 15.31 -10.86
O2S MES H . -14.55 12.88 -10.89
O3S MES H . -12.88 13.99 -9.53
C10 5HF I . -6.25 6.64 7.29
C13 5HF I . -5.39 3.69 6.19
C15 5HF I . -3.94 2.25 4.83
C17 5HF I . -5.85 3.38 3.84
C24 5HF I . 1.23 7.73 7.19
C26 5HF I . 1.25 8.10 4.78
C28 5HF I . 1.24 8.45 2.39
C01 5HF I . -0.44 6.30 13.42
O02 5HF I . -1.04 7.42 12.74
C03 5HF I . -0.27 7.93 11.64
C04 5HF I . -1.22 8.47 10.48
N05 5HF I . -1.61 7.44 9.39
C06 5HF I . -2.74 7.87 8.62
C07 5HF I . -4.08 7.48 9.19
C08 5HF I . -5.11 8.42 8.61
C09 5HF I . -5.55 8.04 7.26
N11 5HF I . -5.16 5.74 7.66
C12 5HF I . -5.73 4.30 7.59
C14 5HF I . -4.27 2.84 6.08
C16 5HF I . -4.73 2.53 3.71
C18 5HF I . -6.20 3.96 5.08
C19 5HF I . -4.46 5.95 8.97
S20 5HF I . -0.65 6.25 8.69
O21 5HF I . 0.39 5.88 9.59
O22 5HF I . -1.51 5.19 8.32
C23 5HF I . 0.04 6.93 7.17
C25 5HF I . 1.81 8.29 6.06
C27 5HF I . 1.82 8.66 3.60
C29 5HF I . 0.05 7.67 2.31
C30 5HF I . -0.50 7.13 3.43
C31 5HF I . 0.08 7.34 4.71
C32 5HF I . -0.48 6.78 5.91
C1 GOL J . -30.58 -2.19 -3.58
O1 GOL J . -30.48 -3.29 -4.45
C2 GOL J . -29.83 -2.57 -2.29
O2 GOL J . -30.13 -1.74 -1.20
C3 GOL J . -30.18 -4.09 -2.06
O3 GOL J . -29.24 -4.61 -1.16
S SO4 K . -19.98 -2.27 -17.94
O1 SO4 K . -20.75 -3.27 -18.69
O2 SO4 K . -18.54 -2.59 -18.00
O3 SO4 K . -20.23 -0.95 -18.53
O4 SO4 K . -20.42 -2.26 -16.54
S SO4 L . 8.54 12.35 4.40
O1 SO4 L . 8.49 12.44 5.86
O2 SO4 L . 9.07 11.04 3.94
O3 SO4 L . 7.13 12.51 3.98
O4 SO4 L . 9.38 13.40 3.82
S SO4 M . 3.39 -6.68 -22.92
O1 SO4 M . 2.16 -7.46 -23.13
O2 SO4 M . 4.53 -7.58 -22.76
O3 SO4 M . 3.63 -5.82 -24.09
O4 SO4 M . 3.24 -5.86 -21.72
S SO4 N . -4.75 36.94 0.39
O1 SO4 N . -6.11 36.56 0.78
O2 SO4 N . -3.85 36.98 1.56
O3 SO4 N . -4.25 35.95 -0.56
O4 SO4 N . -4.73 38.25 -0.26
#